data_1ZIF
#
_entry.id   1ZIF
#
_cell.length_a   1.000
_cell.length_b   1.000
_cell.length_c   1.000
_cell.angle_alpha   90.00
_cell.angle_beta   90.00
_cell.angle_gamma   90.00
#
_symmetry.space_group_name_H-M   'P 1'
#
_entity_poly.entity_id   1
_entity_poly.type   'polyribonucleotide'
_entity_poly.pdbx_seq_one_letter_code
;GGGCGAAAGCCU
;
_entity_poly.pdbx_strand_id   A
#
loop_
_chem_comp.id
_chem_comp.type
_chem_comp.name
_chem_comp.formula
A RNA linking ADENOSINE-5'-MONOPHOSPHATE 'C10 H14 N5 O7 P'
C RNA linking CYTIDINE-5'-MONOPHOSPHATE 'C9 H14 N3 O8 P'
G RNA linking GUANOSINE-5'-MONOPHOSPHATE 'C10 H14 N5 O8 P'
U RNA linking URIDINE-5'-MONOPHOSPHATE 'C9 H13 N2 O9 P'
#